data_7DOY
#
_entry.id   7DOY
#
_cell.length_a   119.130
_cell.length_b   119.130
_cell.length_c   39.733
_cell.angle_alpha   90.000
_cell.angle_beta   90.000
_cell.angle_gamma   120.000
#
_symmetry.space_group_name_H-M   'P 61'
#
loop_
_entity.id
_entity.type
_entity.pdbx_description
1 polymer 'Guanosine deaminase'
2 non-polymer (2R,3R,4S,5R)-2-(2-azanyl-6-methoxy-purin-9-yl)-5-(hydroxymethyl)oxolane-3,4-diol
3 non-polymer 'ZINC ION'
4 water water
#
_entity_poly.entity_id   1
_entity_poly.type   'polypeptide(L)'
_entity_poly.pdbx_seq_one_letter_code
;GPHMSDHKFLTQAVEEAYKGVDCGDGGPFGAVIVHNNEVVASCHNMVLKYTDPTAHAEVTAIREACKKLNKIELSECEIY
ASCEPCPMCFGAIHLSRLKRLVYGAKAEAAIAIGFDDFIADALRGTGVYQKSSLEIKKADGNGAAIAEQVFQNTKEKFRL
Y
;
_entity_poly.pdbx_strand_id   A,D
#
loop_
_chem_comp.id
_chem_comp.type
_chem_comp.name
_chem_comp.formula
HD9 non-polymer (2R,3R,4S,5R)-2-(2-azanyl-6-methoxy-purin-9-yl)-5-(hydroxymethyl)oxolane-3,4-diol 'C11 H15 N5 O5'
ZN non-polymer 'ZINC ION' 'Zn 2'
#
# COMPACT_ATOMS: atom_id res chain seq x y z
N SER A 5 -13.42 -20.89 -13.86
CA SER A 5 -12.24 -20.52 -13.11
C SER A 5 -12.37 -19.13 -12.49
N ASP A 6 -12.42 -18.11 -13.36
CA ASP A 6 -12.41 -16.72 -12.88
C ASP A 6 -13.66 -16.41 -12.09
N HIS A 7 -14.83 -16.90 -12.53
CA HIS A 7 -16.08 -16.53 -11.89
C HIS A 7 -16.16 -17.06 -10.46
N LYS A 8 -15.69 -18.30 -10.24
CA LYS A 8 -15.75 -18.88 -8.90
C LYS A 8 -14.93 -18.05 -7.92
N PHE A 9 -13.71 -17.69 -8.29
CA PHE A 9 -12.85 -16.97 -7.35
C PHE A 9 -13.29 -15.53 -7.18
N LEU A 10 -13.80 -14.90 -8.24
CA LEU A 10 -14.36 -13.55 -8.08
C LEU A 10 -15.58 -13.57 -7.16
N THR A 11 -16.43 -14.59 -7.30
CA THR A 11 -17.57 -14.74 -6.40
C THR A 11 -17.12 -14.99 -4.97
N GLN A 12 -16.02 -15.72 -4.78
CA GLN A 12 -15.51 -15.92 -3.43
C GLN A 12 -14.99 -14.60 -2.84
N ALA A 13 -14.37 -13.76 -3.66
CA ALA A 13 -13.95 -12.45 -3.18
C ALA A 13 -15.17 -11.60 -2.79
N VAL A 14 -16.23 -11.66 -3.59
CA VAL A 14 -17.45 -10.93 -3.27
C VAL A 14 -18.08 -11.45 -1.97
N GLU A 15 -18.09 -12.78 -1.80
CA GLU A 15 -18.56 -13.37 -0.56
C GLU A 15 -17.72 -12.90 0.62
N GLU A 16 -16.42 -12.77 0.42
CA GLU A 16 -15.56 -12.23 1.47
C GLU A 16 -15.96 -10.81 1.83
N ALA A 17 -16.27 -9.99 0.82
CA ALA A 17 -16.74 -8.63 1.08
C ALA A 17 -17.99 -8.64 1.96
N TYR A 18 -18.97 -9.47 1.59
CA TYR A 18 -20.21 -9.56 2.36
C TYR A 18 -19.95 -10.02 3.79
N LYS A 19 -19.11 -11.05 3.95
CA LYS A 19 -18.78 -11.55 5.28
C LYS A 19 -18.09 -10.48 6.11
N GLY A 20 -17.20 -9.72 5.49
CA GLY A 20 -16.49 -8.68 6.22
C GLY A 20 -17.41 -7.58 6.71
N VAL A 21 -18.35 -7.15 5.88
CA VAL A 21 -19.29 -6.13 6.38
C VAL A 21 -20.21 -6.72 7.43
N ASP A 22 -20.57 -8.00 7.30
CA ASP A 22 -21.42 -8.62 8.33
C ASP A 22 -20.70 -8.68 9.68
N CYS A 23 -19.41 -8.98 9.67
CA CYS A 23 -18.62 -9.08 10.88
C CYS A 23 -18.27 -7.72 11.50
N GLY A 24 -18.47 -6.63 10.77
CA GLY A 24 -17.93 -5.36 11.21
C GLY A 24 -16.44 -5.22 11.07
N ASP A 25 -15.79 -6.13 10.33
CA ASP A 25 -14.35 -6.08 10.16
C ASP A 25 -13.92 -4.86 9.36
N GLY A 26 -14.75 -4.42 8.41
CA GLY A 26 -14.40 -3.28 7.57
C GLY A 26 -15.41 -3.08 6.47
N GLY A 27 -14.93 -2.55 5.35
CA GLY A 27 -15.80 -2.22 4.24
C GLY A 27 -16.07 -3.38 3.31
N PRO A 28 -16.99 -3.19 2.36
CA PRO A 28 -17.43 -4.27 1.44
C PRO A 28 -16.43 -4.54 0.33
N PHE A 29 -15.30 -5.14 0.70
CA PHE A 29 -14.27 -5.49 -0.26
C PHE A 29 -13.64 -6.82 0.13
N GLY A 30 -13.42 -7.67 -0.88
CA GLY A 30 -12.77 -8.94 -0.66
C GLY A 30 -11.67 -9.17 -1.68
N ALA A 31 -10.81 -10.14 -1.36
CA ALA A 31 -9.69 -10.49 -2.23
C ALA A 31 -9.34 -11.95 -2.01
N VAL A 32 -9.10 -12.66 -3.11
CA VAL A 32 -8.74 -14.07 -3.07
C VAL A 32 -7.49 -14.26 -3.93
N ILE A 33 -6.42 -14.79 -3.33
CA ILE A 33 -5.21 -15.13 -4.06
C ILE A 33 -5.16 -16.63 -4.23
N VAL A 34 -4.96 -17.08 -5.47
CA VAL A 34 -4.97 -18.48 -5.84
C VAL A 34 -3.67 -18.83 -6.54
N HIS A 35 -3.31 -20.12 -6.46
CA HIS A 35 -2.17 -20.67 -7.18
C HIS A 35 -2.65 -21.91 -7.92
N ASN A 36 -2.87 -21.79 -9.22
CA ASN A 36 -3.34 -22.88 -10.08
C ASN A 36 -4.61 -23.50 -9.51
N ASN A 37 -5.64 -22.65 -9.37
CA ASN A 37 -6.97 -23.04 -8.90
C ASN A 37 -6.96 -23.55 -7.45
N GLU A 38 -5.92 -23.24 -6.68
CA GLU A 38 -5.87 -23.55 -5.26
C GLU A 38 -5.78 -22.25 -4.48
N VAL A 39 -6.78 -21.99 -3.63
CA VAL A 39 -6.82 -20.74 -2.88
C VAL A 39 -5.68 -20.71 -1.88
N VAL A 40 -4.84 -19.68 -1.97
CA VAL A 40 -3.75 -19.50 -1.03
C VAL A 40 -4.22 -18.54 0.05
N ALA A 41 -5.09 -17.60 -0.30
CA ALA A 41 -5.58 -16.64 0.68
C ALA A 41 -6.98 -16.17 0.30
N SER A 42 -7.80 -15.93 1.32
CA SER A 42 -9.15 -15.42 1.13
C SER A 42 -9.44 -14.43 2.24
N CYS A 43 -9.60 -13.14 1.90
CA CYS A 43 -9.60 -12.09 2.90
C CYS A 43 -10.61 -11.02 2.50
N HIS A 44 -10.91 -10.14 3.46
CA HIS A 44 -11.73 -8.96 3.23
C HIS A 44 -11.08 -7.79 3.96
N ASN A 45 -11.68 -6.61 3.82
CA ASN A 45 -11.19 -5.43 4.54
C ASN A 45 -11.14 -5.71 6.03
N MET A 46 -10.02 -5.33 6.65
CA MET A 46 -9.84 -5.43 8.09
C MET A 46 -9.48 -4.09 8.72
N VAL A 47 -9.82 -2.99 8.06
CA VAL A 47 -9.39 -1.67 8.53
C VAL A 47 -9.94 -1.39 9.93
N LEU A 48 -11.23 -1.63 10.11
CA LEU A 48 -11.84 -1.38 11.43
C LEU A 48 -11.42 -2.43 12.43
N LYS A 49 -11.31 -3.69 12.01
CA LYS A 49 -10.91 -4.76 12.92
C LYS A 49 -9.50 -4.54 13.44
N TYR A 50 -8.57 -4.16 12.56
CA TYR A 50 -7.17 -4.03 12.92
C TYR A 50 -6.77 -2.62 13.34
N THR A 51 -7.66 -1.64 13.21
CA THR A 51 -7.29 -0.23 13.34
C THR A 51 -6.08 0.08 12.46
N ASP A 52 -6.22 -0.26 11.17
CA ASP A 52 -5.12 -0.22 10.22
C ASP A 52 -5.67 0.23 8.88
N PRO A 53 -5.49 1.50 8.51
CA PRO A 53 -6.02 1.98 7.22
C PRO A 53 -5.37 1.32 6.02
N THR A 54 -4.23 0.64 6.20
CA THR A 54 -3.62 -0.13 5.13
C THR A 54 -4.16 -1.55 5.03
N ALA A 55 -4.92 -2.00 6.04
CA ALA A 55 -5.44 -3.37 6.06
C ALA A 55 -6.54 -3.55 5.04
N HIS A 56 -6.25 -3.20 3.78
CA HIS A 56 -7.21 -3.42 2.72
C HIS A 56 -7.31 -4.92 2.39
N ALA A 57 -8.40 -5.28 1.72
CA ALA A 57 -8.63 -6.68 1.37
C ALA A 57 -7.47 -7.23 0.54
N GLU A 58 -7.03 -6.46 -0.46
CA GLU A 58 -5.92 -6.90 -1.30
C GLU A 58 -4.63 -6.98 -0.51
N VAL A 59 -4.33 -5.95 0.29
CA VAL A 59 -3.11 -5.96 1.09
C VAL A 59 -3.15 -7.10 2.11
N THR A 60 -4.31 -7.30 2.74
CA THR A 60 -4.45 -8.40 3.71
C THR A 60 -4.21 -9.74 3.04
N ALA A 61 -4.80 -9.94 1.85
CA ALA A 61 -4.61 -11.19 1.13
C ALA A 61 -3.15 -11.39 0.75
N ILE A 62 -2.46 -10.32 0.34
CA ILE A 62 -1.05 -10.42 -0.01
C ILE A 62 -0.24 -10.82 1.22
N ARG A 63 -0.50 -10.17 2.35
CA ARG A 63 0.17 -10.53 3.59
C ARG A 63 -0.02 -12.01 3.92
N GLU A 64 -1.27 -12.47 3.87
CA GLU A 64 -1.56 -13.84 4.31
C GLU A 64 -1.01 -14.87 3.33
N ALA A 65 -1.08 -14.59 2.02
CA ALA A 65 -0.54 -15.52 1.05
C ALA A 65 0.99 -15.58 1.14
N CYS A 66 1.64 -14.44 1.38
CA CYS A 66 3.08 -14.45 1.56
C CYS A 66 3.47 -15.23 2.81
N LYS A 67 2.67 -15.12 3.87
CA LYS A 67 2.92 -15.92 5.07
C LYS A 67 2.74 -17.40 4.78
N LYS A 68 1.69 -17.76 4.05
CA LYS A 68 1.40 -19.16 3.78
C LYS A 68 2.46 -19.80 2.90
N LEU A 69 2.96 -19.07 1.92
CA LEU A 69 3.95 -19.61 0.99
C LEU A 69 5.39 -19.35 1.43
N ASN A 70 5.59 -18.66 2.55
CA ASN A 70 6.92 -18.44 3.14
C ASN A 70 7.85 -17.70 2.19
N LYS A 71 7.30 -16.73 1.46
CA LYS A 71 8.12 -15.93 0.55
C LYS A 71 7.42 -14.60 0.28
N ILE A 72 8.19 -13.64 -0.21
CA ILE A 72 7.71 -12.27 -0.41
C ILE A 72 7.24 -12.01 -1.82
N GLU A 73 7.36 -12.98 -2.72
CA GLU A 73 6.92 -12.82 -4.10
C GLU A 73 5.90 -13.91 -4.44
N LEU A 74 4.88 -13.54 -5.19
CA LEU A 74 3.81 -14.46 -5.57
C LEU A 74 3.71 -14.55 -7.10
N SER A 75 4.84 -14.79 -7.77
CA SER A 75 4.87 -14.75 -9.22
C SER A 75 4.03 -15.85 -9.86
N GLU A 76 3.75 -16.92 -9.13
CA GLU A 76 2.97 -18.03 -9.66
C GLU A 76 1.49 -17.93 -9.29
N CYS A 77 1.07 -16.82 -8.69
CA CYS A 77 -0.28 -16.68 -8.15
C CYS A 77 -1.04 -15.59 -8.88
N GLU A 78 -2.36 -15.65 -8.78
CA GLU A 78 -3.25 -14.63 -9.30
C GLU A 78 -4.13 -14.11 -8.17
N ILE A 79 -4.61 -12.88 -8.34
CA ILE A 79 -5.43 -12.23 -7.32
C ILE A 79 -6.76 -11.81 -7.94
N TYR A 80 -7.84 -12.07 -7.21
CA TYR A 80 -9.19 -11.67 -7.58
C TYR A 80 -9.67 -10.66 -6.55
N ALA A 81 -10.01 -9.46 -7.03
CA ALA A 81 -10.48 -8.39 -6.17
C ALA A 81 -11.94 -8.10 -6.48
N SER A 82 -12.78 -8.08 -5.44
CA SER A 82 -14.19 -7.80 -5.65
C SER A 82 -14.41 -6.44 -6.28
N CYS A 83 -13.53 -5.47 -5.97
CA CYS A 83 -13.60 -4.13 -6.54
C CYS A 83 -12.21 -3.75 -7.04
N GLU A 84 -12.19 -2.78 -7.96
CA GLU A 84 -10.97 -2.31 -8.58
C GLU A 84 -9.97 -1.86 -7.52
N PRO A 85 -8.77 -2.44 -7.48
CA PRO A 85 -7.82 -2.09 -6.41
C PRO A 85 -7.41 -0.62 -6.48
N CYS A 86 -7.29 -0.02 -5.29
CA CYS A 86 -6.89 1.36 -5.14
C CYS A 86 -5.40 1.53 -5.47
N PRO A 87 -4.90 2.77 -5.53
CA PRO A 87 -3.45 2.94 -5.77
C PRO A 87 -2.56 2.21 -4.78
N MET A 88 -2.91 2.21 -3.50
CA MET A 88 -2.08 1.51 -2.51
C MET A 88 -2.03 0.00 -2.81
N CYS A 89 -3.20 -0.60 -3.03
CA CYS A 89 -3.29 -2.03 -3.26
C CYS A 89 -2.71 -2.42 -4.61
N PHE A 90 -2.88 -1.57 -5.63
CA PHE A 90 -2.25 -1.87 -6.91
C PHE A 90 -0.74 -1.79 -6.80
N GLY A 91 -0.22 -0.84 -6.03
CA GLY A 91 1.20 -0.82 -5.75
C GLY A 91 1.67 -2.05 -5.01
N ALA A 92 0.88 -2.51 -4.04
CA ALA A 92 1.21 -3.74 -3.32
C ALA A 92 1.19 -4.95 -4.24
N ILE A 93 0.24 -4.99 -5.18
CA ILE A 93 0.16 -6.08 -6.14
C ILE A 93 1.38 -6.06 -7.06
N HIS A 94 1.81 -4.86 -7.47
CA HIS A 94 3.04 -4.75 -8.25
C HIS A 94 4.23 -5.27 -7.47
N LEU A 95 4.36 -4.87 -6.21
CA LEU A 95 5.52 -5.25 -5.41
C LEU A 95 5.53 -6.76 -5.14
N SER A 96 4.35 -7.35 -4.94
CA SER A 96 4.26 -8.78 -4.65
C SER A 96 4.50 -9.65 -5.88
N ARG A 97 4.62 -9.05 -7.06
CA ARG A 97 4.90 -9.74 -8.31
C ARG A 97 3.82 -10.76 -8.69
N LEU A 98 2.58 -10.56 -8.22
CA LEU A 98 1.46 -11.36 -8.69
C LEU A 98 1.37 -11.25 -10.21
N LYS A 99 1.06 -12.37 -10.87
CA LYS A 99 1.13 -12.41 -12.32
C LYS A 99 -0.19 -12.09 -13.01
N ARG A 100 -1.30 -12.05 -12.28
CA ARG A 100 -2.58 -11.72 -12.90
C ARG A 100 -3.51 -11.12 -11.86
N LEU A 101 -4.26 -10.11 -12.28
CA LEU A 101 -5.30 -9.48 -11.46
C LEU A 101 -6.62 -9.55 -12.20
N VAL A 102 -7.66 -10.00 -11.50
CA VAL A 102 -9.03 -10.04 -12.04
C VAL A 102 -9.91 -9.29 -11.05
N TYR A 103 -10.51 -8.18 -11.49
CA TYR A 103 -11.36 -7.43 -10.58
C TYR A 103 -12.77 -7.34 -11.12
N GLY A 104 -13.72 -7.20 -10.20
CA GLY A 104 -15.13 -7.28 -10.55
C GLY A 104 -15.79 -5.96 -10.85
N ALA A 105 -15.80 -5.05 -9.88
CA ALA A 105 -16.48 -3.78 -10.01
C ALA A 105 -15.50 -2.65 -10.26
N LYS A 106 -15.91 -1.68 -11.07
CA LYS A 106 -15.11 -0.49 -11.27
C LYS A 106 -15.13 0.38 -10.01
N ALA A 107 -14.08 1.18 -9.84
CA ALA A 107 -13.95 2.01 -8.64
C ALA A 107 -15.11 2.98 -8.50
N GLU A 108 -15.72 3.38 -9.61
CA GLU A 108 -16.86 4.29 -9.56
C GLU A 108 -18.02 3.69 -8.77
N ALA A 109 -18.16 2.36 -8.79
CA ALA A 109 -19.22 1.72 -8.02
C ALA A 109 -19.02 1.92 -6.52
N ALA A 110 -17.76 1.89 -6.07
CA ALA A 110 -17.49 2.15 -4.67
C ALA A 110 -17.59 3.64 -4.34
N ILE A 111 -17.16 4.50 -5.27
CA ILE A 111 -17.27 5.94 -5.06
C ILE A 111 -18.73 6.35 -4.90
N ALA A 112 -19.62 5.70 -5.66
CA ALA A 112 -21.03 6.09 -5.67
C ALA A 112 -21.74 5.84 -4.34
N ILE A 113 -21.11 5.16 -3.38
CA ILE A 113 -21.73 4.94 -2.08
C ILE A 113 -20.91 5.56 -0.95
N GLY A 114 -19.98 6.46 -1.26
CA GLY A 114 -19.33 7.27 -0.25
C GLY A 114 -17.84 7.09 -0.11
N PHE A 115 -17.17 6.28 -0.92
CA PHE A 115 -15.73 6.14 -0.80
C PHE A 115 -15.01 7.18 -1.65
N ASP A 116 -13.76 7.45 -1.28
CA ASP A 116 -12.99 8.51 -1.94
C ASP A 116 -12.78 8.20 -3.42
N ASP A 117 -12.77 9.25 -4.23
CA ASP A 117 -12.30 9.15 -5.60
C ASP A 117 -10.79 8.93 -5.56
N PHE A 118 -10.38 7.66 -5.57
CA PHE A 118 -9.00 7.25 -5.29
C PHE A 118 -8.68 6.09 -6.23
N ILE A 119 -8.21 6.43 -7.43
CA ILE A 119 -8.13 5.50 -8.55
C ILE A 119 -6.68 5.38 -9.03
N ALA A 120 -6.27 4.15 -9.32
CA ALA A 120 -4.91 3.86 -9.72
C ALA A 120 -4.73 4.12 -11.22
N ASP A 121 -3.87 5.07 -11.57
CA ASP A 121 -3.59 5.35 -12.97
C ASP A 121 -2.94 4.15 -13.65
N ALA A 122 -2.01 3.49 -12.97
CA ALA A 122 -1.29 2.37 -13.58
C ALA A 122 -2.22 1.22 -13.94
N LEU A 123 -3.30 1.03 -13.17
CA LEU A 123 -4.26 0.00 -13.51
C LEU A 123 -5.01 0.35 -14.80
N ARG A 124 -5.44 1.60 -14.92
CA ARG A 124 -6.21 2.04 -16.07
C ARG A 124 -5.34 2.42 -17.26
N GLY A 125 -4.03 2.36 -17.13
CA GLY A 125 -3.14 2.64 -18.25
C GLY A 125 -2.83 4.11 -18.47
N THR A 126 -3.10 4.97 -17.49
CA THR A 126 -2.80 6.39 -17.61
C THR A 126 -1.60 6.80 -16.76
N GLY A 127 -0.81 5.83 -16.30
CA GLY A 127 0.34 6.15 -15.48
C GLY A 127 1.53 6.59 -16.32
N VAL A 128 2.29 7.54 -15.79
CA VAL A 128 3.51 8.02 -16.42
C VAL A 128 4.75 7.47 -15.73
N TYR A 129 4.83 7.66 -14.41
CA TYR A 129 5.96 7.17 -13.64
C TYR A 129 5.77 5.75 -13.12
N GLN A 130 4.54 5.26 -13.07
CA GLN A 130 4.25 3.90 -12.66
C GLN A 130 3.66 3.15 -13.84
N LYS A 131 4.33 2.08 -14.26
CA LYS A 131 3.88 1.27 -15.38
C LYS A 131 3.78 -0.18 -14.93
N SER A 132 2.63 -0.80 -15.17
CA SER A 132 2.41 -2.19 -14.86
C SER A 132 2.42 -3.02 -16.13
N SER A 133 3.15 -4.15 -16.09
CA SER A 133 3.08 -5.16 -17.13
C SER A 133 2.14 -6.30 -16.75
N LEU A 134 1.55 -6.22 -15.55
CA LEU A 134 0.62 -7.22 -15.06
C LEU A 134 -0.55 -7.44 -16.01
N GLU A 135 -1.01 -8.69 -16.11
CA GLU A 135 -2.20 -9.00 -16.90
C GLU A 135 -3.44 -8.71 -16.06
N ILE A 136 -4.26 -7.77 -16.53
CA ILE A 136 -5.41 -7.26 -15.78
C ILE A 136 -6.68 -7.61 -16.55
N LYS A 137 -7.69 -8.12 -15.84
CA LYS A 137 -8.96 -8.48 -16.43
C LYS A 137 -10.08 -7.82 -15.63
N LYS A 138 -10.83 -6.95 -16.31
CA LYS A 138 -12.08 -6.44 -15.78
C LYS A 138 -13.20 -7.44 -16.06
N ALA A 139 -13.93 -7.82 -15.01
CA ALA A 139 -14.98 -8.82 -15.16
C ALA A 139 -16.15 -8.26 -15.94
N ASP A 140 -16.84 -9.15 -16.66
CA ASP A 140 -18.01 -8.79 -17.44
C ASP A 140 -19.18 -9.69 -17.05
N GLY A 141 -20.37 -9.30 -17.50
CA GLY A 141 -21.54 -10.16 -17.36
C GLY A 141 -21.92 -10.38 -15.91
N ASN A 142 -22.02 -11.66 -15.54
CA ASN A 142 -22.55 -12.01 -14.22
C ASN A 142 -21.57 -11.62 -13.11
N GLY A 143 -20.28 -11.79 -13.34
CA GLY A 143 -19.30 -11.37 -12.35
C GLY A 143 -19.36 -9.88 -12.09
N ALA A 144 -19.44 -9.09 -13.15
CA ALA A 144 -19.56 -7.64 -13.01
C ALA A 144 -20.85 -7.27 -12.29
N ALA A 145 -21.95 -7.95 -12.63
CA ALA A 145 -23.22 -7.66 -11.97
C ALA A 145 -23.15 -7.94 -10.47
N ILE A 146 -22.58 -9.09 -10.10
CA ILE A 146 -22.44 -9.45 -8.68
C ILE A 146 -21.58 -8.42 -7.96
N ALA A 147 -20.41 -8.10 -8.52
CA ALA A 147 -19.48 -7.20 -7.85
C ALA A 147 -20.07 -5.81 -7.72
N GLU A 148 -20.79 -5.34 -8.73
CA GLU A 148 -21.43 -4.03 -8.63
C GLU A 148 -22.57 -4.04 -7.62
N GLN A 149 -23.33 -5.15 -7.57
CA GLN A 149 -24.43 -5.25 -6.63
C GLN A 149 -23.96 -5.24 -5.20
N VAL A 150 -22.70 -5.65 -4.96
CA VAL A 150 -22.14 -5.60 -3.61
C VAL A 150 -22.42 -4.26 -2.93
N PHE A 151 -22.19 -3.16 -3.66
CA PHE A 151 -22.26 -1.85 -3.04
C PHE A 151 -23.70 -1.37 -2.82
N GLN A 152 -24.63 -1.75 -3.69
CA GLN A 152 -26.03 -1.45 -3.43
C GLN A 152 -26.57 -2.28 -2.28
N ASN A 153 -26.10 -3.51 -2.13
CA ASN A 153 -26.61 -4.39 -1.07
C ASN A 153 -26.07 -4.02 0.31
N THR A 154 -24.83 -3.52 0.38
CA THR A 154 -24.20 -3.21 1.66
C THR A 154 -24.30 -1.73 2.02
N LYS A 155 -25.20 -0.98 1.37
CA LYS A 155 -25.31 0.45 1.62
C LYS A 155 -25.76 0.71 3.05
N GLU A 156 -24.97 1.49 3.77
CA GLU A 156 -25.28 1.87 5.16
C GLU A 156 -25.48 0.65 6.05
N LYS A 157 -24.70 -0.39 5.80
CA LYS A 157 -24.57 -1.51 6.73
C LYS A 157 -23.17 -1.56 7.34
N PHE A 158 -22.37 -0.51 7.13
CA PHE A 158 -21.01 -0.46 7.63
C PHE A 158 -20.61 1.00 7.81
N ARG A 159 -19.57 1.22 8.62
CA ARG A 159 -19.05 2.55 8.86
C ARG A 159 -18.01 2.91 7.81
N LEU A 160 -18.13 4.12 7.25
CA LEU A 160 -17.23 4.55 6.20
C LEU A 160 -15.86 4.91 6.76
N TYR A 161 -14.86 4.85 5.89
CA TYR A 161 -13.47 5.14 6.28
C TYR A 161 -12.67 5.63 5.07
N SER B 5 13.35 21.07 13.47
CA SER B 5 12.44 19.95 13.70
C SER B 5 12.33 19.06 12.46
N ASP B 6 12.15 19.67 11.28
CA ASP B 6 12.17 18.90 10.04
C ASP B 6 13.48 18.14 9.88
N HIS B 7 14.61 18.78 10.17
CA HIS B 7 15.90 18.12 10.06
C HIS B 7 16.04 16.99 11.09
N LYS B 8 15.55 17.22 12.31
CA LYS B 8 15.66 16.22 13.36
C LYS B 8 14.95 14.92 12.98
N PHE B 9 13.71 15.04 12.49
CA PHE B 9 12.92 13.84 12.21
C PHE B 9 13.35 13.17 10.91
N LEU B 10 13.77 13.94 9.91
CA LEU B 10 14.34 13.32 8.72
C LEU B 10 15.63 12.60 9.05
N THR B 11 16.45 13.18 9.93
CA THR B 11 17.64 12.51 10.42
C THR B 11 17.29 11.22 11.14
N GLN B 12 16.25 11.24 11.96
CA GLN B 12 15.82 10.02 12.64
C GLN B 12 15.39 8.97 11.63
N ALA B 13 14.71 9.38 10.55
CA ALA B 13 14.31 8.42 9.52
C ALA B 13 15.52 7.83 8.81
N VAL B 14 16.53 8.65 8.54
CA VAL B 14 17.76 8.16 7.91
C VAL B 14 18.46 7.15 8.82
N GLU B 15 18.53 7.47 10.12
CA GLU B 15 19.12 6.54 11.08
C GLU B 15 18.33 5.25 11.15
N GLU B 16 16.99 5.34 11.05
CA GLU B 16 16.18 4.13 11.00
C GLU B 16 16.51 3.29 9.77
N ALA B 17 16.73 3.94 8.63
CA ALA B 17 17.11 3.21 7.42
C ALA B 17 18.41 2.45 7.63
N TYR B 18 19.43 3.14 8.15
CA TYR B 18 20.70 2.48 8.43
C TYR B 18 20.53 1.33 9.42
N LYS B 19 19.80 1.57 10.50
CA LYS B 19 19.60 0.55 11.54
C LYS B 19 18.88 -0.67 10.98
N GLY B 20 17.91 -0.45 10.09
CA GLY B 20 17.16 -1.57 9.54
C GLY B 20 17.99 -2.38 8.56
N VAL B 21 18.71 -1.70 7.65
CA VAL B 21 19.59 -2.46 6.77
C VAL B 21 20.67 -3.18 7.57
N ASP B 22 21.09 -2.65 8.72
CA ASP B 22 22.07 -3.35 9.54
C ASP B 22 21.46 -4.47 10.37
N CYS B 23 20.15 -4.41 10.62
CA CYS B 23 19.46 -5.49 11.31
C CYS B 23 19.18 -6.68 10.40
N GLY B 24 19.26 -6.50 9.08
CA GLY B 24 18.72 -7.45 8.16
C GLY B 24 17.21 -7.43 8.05
N ASP B 25 16.56 -6.46 8.70
CA ASP B 25 15.10 -6.36 8.65
C ASP B 25 14.62 -6.07 7.23
N GLY B 26 15.44 -5.40 6.43
CA GLY B 26 15.08 -5.14 5.04
C GLY B 26 15.96 -4.06 4.44
N GLY B 27 15.39 -3.35 3.47
CA GLY B 27 16.12 -2.36 2.72
C GLY B 27 16.40 -1.10 3.51
N PRO B 28 17.28 -0.23 2.98
CA PRO B 28 17.69 1.00 3.68
C PRO B 28 16.65 2.11 3.55
N PHE B 29 15.51 1.94 4.22
CA PHE B 29 14.45 2.93 4.21
C PHE B 29 13.91 3.10 5.62
N GLY B 30 13.67 4.35 6.00
CA GLY B 30 13.13 4.65 7.31
C GLY B 30 11.99 5.64 7.21
N ALA B 31 11.13 5.61 8.24
CA ALA B 31 9.97 6.49 8.30
C ALA B 31 9.64 6.78 9.76
N VAL B 32 9.30 8.03 10.04
CA VAL B 32 8.98 8.50 11.38
C VAL B 32 7.69 9.30 11.31
N ILE B 33 6.74 8.98 12.19
CA ILE B 33 5.46 9.67 12.25
C ILE B 33 5.42 10.48 13.54
N VAL B 34 5.07 11.76 13.41
CA VAL B 34 5.19 12.74 14.50
C VAL B 34 3.84 13.38 14.74
N HIS B 35 3.51 13.62 16.01
CA HIS B 35 2.27 14.27 16.42
C HIS B 35 2.63 15.49 17.26
N ASN B 36 2.71 16.65 16.61
CA ASN B 36 3.03 17.92 17.26
C ASN B 36 4.35 17.80 18.04
N ASN B 37 5.40 17.43 17.31
CA ASN B 37 6.76 17.27 17.79
C ASN B 37 6.96 16.05 18.71
N GLU B 38 5.94 15.22 18.87
CA GLU B 38 6.04 13.99 19.64
C GLU B 38 6.06 12.81 18.69
N VAL B 39 7.12 12.00 18.75
CA VAL B 39 7.28 10.87 17.85
C VAL B 39 6.28 9.79 18.22
N VAL B 40 5.40 9.44 17.29
CA VAL B 40 4.44 8.36 17.50
C VAL B 40 5.02 7.01 17.08
N ALA B 41 5.71 6.97 15.94
CA ALA B 41 6.28 5.73 15.43
C ALA B 41 7.59 6.02 14.74
N SER B 42 8.53 5.08 14.86
CA SER B 42 9.86 5.19 14.26
C SER B 42 10.23 3.81 13.73
N CYS B 43 10.22 3.64 12.40
CA CYS B 43 10.29 2.32 11.80
C CYS B 43 11.19 2.34 10.57
N HIS B 44 11.48 1.14 10.07
CA HIS B 44 12.23 0.93 8.83
C HIS B 44 11.59 -0.22 8.07
N ASN B 45 12.16 -0.54 6.90
CA ASN B 45 11.69 -1.67 6.11
C ASN B 45 11.73 -2.95 6.94
N MET B 46 10.61 -3.69 6.94
CA MET B 46 10.52 -4.98 7.61
C MET B 46 10.14 -6.09 6.64
N VAL B 47 10.33 -5.86 5.34
CA VAL B 47 9.93 -6.83 4.32
C VAL B 47 10.60 -8.18 4.57
N LEU B 48 11.91 -8.16 4.84
CA LEU B 48 12.62 -9.43 5.05
C LEU B 48 12.28 -10.04 6.40
N LYS B 49 12.23 -9.22 7.45
CA LYS B 49 11.94 -9.74 8.79
C LYS B 49 10.52 -10.28 8.89
N TYR B 50 9.57 -9.65 8.20
CA TYR B 50 8.17 -10.04 8.29
C TYR B 50 7.72 -10.97 7.18
N THR B 51 8.56 -11.23 6.18
CA THR B 51 8.15 -11.92 4.95
C THR B 51 6.88 -11.29 4.40
N ASP B 52 6.94 -9.96 4.23
CA ASP B 52 5.80 -9.15 3.85
C ASP B 52 6.25 -8.07 2.88
N PRO B 53 5.95 -8.20 1.58
CA PRO B 53 6.37 -7.19 0.61
C PRO B 53 5.67 -5.85 0.78
N THR B 54 4.59 -5.79 1.55
CA THR B 54 3.94 -4.53 1.87
C THR B 54 4.54 -3.86 3.12
N ALA B 55 5.41 -4.57 3.84
CA ALA B 55 5.96 -4.06 5.09
C ALA B 55 7.01 -2.98 4.84
N HIS B 56 6.68 -2.01 4.00
CA HIS B 56 7.59 -0.91 3.77
C HIS B 56 7.70 -0.04 5.02
N ALA B 57 8.70 0.85 5.01
CA ALA B 57 8.96 1.70 6.17
C ALA B 57 7.76 2.58 6.47
N GLU B 58 7.21 3.24 5.45
CA GLU B 58 6.06 4.12 5.65
C GLU B 58 4.83 3.33 6.08
N VAL B 59 4.59 2.17 5.45
CA VAL B 59 3.43 1.37 5.83
C VAL B 59 3.58 0.85 7.25
N THR B 60 4.78 0.38 7.61
CA THR B 60 5.02 -0.08 8.98
C THR B 60 4.80 1.04 9.98
N ALA B 61 5.28 2.24 9.66
CA ALA B 61 5.08 3.38 10.56
C ALA B 61 3.61 3.73 10.69
N ILE B 62 2.87 3.69 9.58
CA ILE B 62 1.44 3.99 9.64
C ILE B 62 0.72 2.98 10.52
N ARG B 63 1.01 1.68 10.32
CA ARG B 63 0.39 0.64 11.13
C ARG B 63 0.67 0.86 12.61
N GLU B 64 1.94 1.09 12.95
CA GLU B 64 2.31 1.28 14.36
C GLU B 64 1.66 2.52 14.95
N ALA B 65 1.67 3.63 14.21
CA ALA B 65 1.10 4.87 14.73
C ALA B 65 -0.40 4.74 14.94
N CYS B 66 -1.11 4.12 13.99
CA CYS B 66 -2.56 3.96 14.13
C CYS B 66 -2.91 3.03 15.28
N LYS B 67 -2.14 1.95 15.46
CA LYS B 67 -2.38 1.07 16.60
C LYS B 67 -2.11 1.78 17.90
N LYS B 68 -1.05 2.61 17.95
CA LYS B 68 -0.72 3.33 19.17
C LYS B 68 -1.79 4.36 19.52
N LEU B 69 -2.31 5.07 18.53
CA LEU B 69 -3.25 6.16 18.78
C LEU B 69 -4.71 5.70 18.79
N ASN B 70 -4.98 4.43 18.49
CA ASN B 70 -6.34 3.87 18.53
C ASN B 70 -7.27 4.59 17.54
N LYS B 71 -6.73 4.95 16.38
CA LYS B 71 -7.52 5.59 15.34
C LYS B 71 -6.90 5.26 13.99
N ILE B 72 -7.76 5.16 12.97
CA ILE B 72 -7.29 4.82 11.63
C ILE B 72 -6.90 6.04 10.81
N GLU B 73 -7.09 7.25 11.35
CA GLU B 73 -6.70 8.48 10.66
C GLU B 73 -5.60 9.18 11.45
N LEU B 74 -4.59 9.68 10.74
CA LEU B 74 -3.48 10.36 11.38
C LEU B 74 -3.44 11.82 10.92
N SER B 75 -4.59 12.49 10.92
CA SER B 75 -4.69 13.82 10.33
C SER B 75 -4.00 14.90 11.14
N GLU B 76 -3.69 14.63 12.41
CA GLU B 76 -2.90 15.56 13.23
C GLU B 76 -1.42 15.20 13.22
N CYS B 77 -1.02 14.26 12.38
CA CYS B 77 0.33 13.73 12.36
C CYS B 77 1.00 14.03 11.01
N GLU B 78 2.33 14.03 11.02
CA GLU B 78 3.13 14.17 9.83
C GLU B 78 4.10 12.99 9.73
N ILE B 79 4.50 12.65 8.51
CA ILE B 79 5.39 11.53 8.27
C ILE B 79 6.68 12.03 7.64
N TYR B 80 7.81 11.52 8.12
CA TYR B 80 9.13 11.80 7.57
C TYR B 80 9.68 10.51 6.98
N ALA B 81 9.97 10.53 5.69
CA ALA B 81 10.46 9.35 4.98
C ALA B 81 11.89 9.60 4.52
N SER B 82 12.78 8.63 4.78
CA SER B 82 14.15 8.76 4.32
C SER B 82 14.22 8.85 2.80
N CYS B 83 13.34 8.14 2.11
CA CYS B 83 13.31 8.15 0.65
C CYS B 83 11.89 8.44 0.18
N GLU B 84 11.79 8.96 -1.04
CA GLU B 84 10.50 9.33 -1.61
C GLU B 84 9.57 8.13 -1.64
N PRO B 85 8.35 8.23 -1.10
CA PRO B 85 7.46 7.07 -1.02
C PRO B 85 7.08 6.54 -2.39
N CYS B 86 7.02 5.21 -2.48
CA CYS B 86 6.61 4.50 -3.68
C CYS B 86 5.10 4.62 -3.87
N PRO B 87 4.57 4.20 -5.03
CA PRO B 87 3.11 4.25 -5.22
C PRO B 87 2.30 3.61 -4.11
N MET B 88 2.68 2.41 -3.65
CA MET B 88 1.94 1.76 -2.57
C MET B 88 1.95 2.61 -1.31
N CYS B 89 3.13 3.11 -0.95
CA CYS B 89 3.30 3.85 0.30
C CYS B 89 2.65 5.22 0.22
N PHE B 90 2.69 5.86 -0.95
CA PHE B 90 1.98 7.13 -1.10
C PHE B 90 0.47 6.92 -1.00
N GLY B 91 -0.03 5.84 -1.59
CA GLY B 91 -1.44 5.50 -1.40
C GLY B 91 -1.78 5.24 0.04
N ALA B 92 -0.89 4.57 0.77
CA ALA B 92 -1.12 4.32 2.19
C ALA B 92 -1.10 5.63 2.99
N ILE B 93 -0.21 6.55 2.62
CA ILE B 93 -0.16 7.86 3.28
C ILE B 93 -1.46 8.63 3.02
N HIS B 94 -1.95 8.57 1.79
CA HIS B 94 -3.24 9.20 1.46
C HIS B 94 -4.36 8.61 2.30
N LEU B 95 -4.45 7.28 2.34
CA LEU B 95 -5.51 6.62 3.09
C LEU B 95 -5.38 6.89 4.59
N SER B 96 -4.16 7.11 5.07
CA SER B 96 -3.90 7.39 6.47
C SER B 96 -4.40 8.77 6.90
N ARG B 97 -4.68 9.66 5.94
CA ARG B 97 -5.07 11.04 6.18
C ARG B 97 -3.97 11.86 6.84
N LEU B 98 -2.73 11.39 6.80
CA LEU B 98 -1.60 12.18 7.26
C LEU B 98 -1.62 13.55 6.58
N LYS B 99 -1.31 14.58 7.36
CA LYS B 99 -1.50 15.94 6.87
C LYS B 99 -0.27 16.52 6.17
N ARG B 100 0.92 15.95 6.40
CA ARG B 100 2.13 16.48 5.78
C ARG B 100 3.11 15.34 5.57
N LEU B 101 3.84 15.41 4.46
CA LEU B 101 4.88 14.44 4.15
C LEU B 101 6.19 15.18 3.87
N VAL B 102 7.25 14.77 4.56
CA VAL B 102 8.59 15.26 4.30
C VAL B 102 9.45 14.05 3.95
N TYR B 103 10.10 14.08 2.79
CA TYR B 103 10.98 13.00 2.39
C TYR B 103 12.34 13.55 2.01
N GLY B 104 13.37 12.72 2.22
CA GLY B 104 14.74 13.13 2.05
C GLY B 104 15.29 12.99 0.64
N ALA B 105 15.39 11.76 0.16
CA ALA B 105 16.00 11.47 -1.13
C ALA B 105 14.94 11.22 -2.20
N LYS B 106 15.28 11.56 -3.43
CA LYS B 106 14.44 11.23 -4.57
C LYS B 106 14.52 9.73 -4.87
N ALA B 107 13.46 9.22 -5.51
CA ALA B 107 13.40 7.79 -5.82
C ALA B 107 14.56 7.36 -6.72
N GLU B 108 15.11 8.29 -7.50
CA GLU B 108 16.19 7.96 -8.41
C GLU B 108 17.43 7.48 -7.65
N ALA B 109 17.64 7.96 -6.43
CA ALA B 109 18.79 7.48 -5.66
C ALA B 109 18.64 6.01 -5.30
N ALA B 110 17.43 5.57 -4.96
CA ALA B 110 17.20 4.16 -4.70
C ALA B 110 17.27 3.35 -5.98
N ILE B 111 16.76 3.90 -7.09
CA ILE B 111 16.80 3.19 -8.36
C ILE B 111 18.24 3.01 -8.83
N ALA B 112 19.11 3.97 -8.53
CA ALA B 112 20.49 3.91 -9.01
C ALA B 112 21.23 2.67 -8.51
N ILE B 113 20.81 2.13 -7.36
CA ILE B 113 21.46 0.95 -6.79
C ILE B 113 20.68 -0.32 -7.11
N GLY B 114 19.72 -0.26 -8.03
CA GLY B 114 19.04 -1.45 -8.53
C GLY B 114 17.60 -1.61 -8.08
N PHE B 115 17.05 -0.67 -7.33
CA PHE B 115 15.67 -0.81 -6.88
C PHE B 115 14.71 -0.57 -8.04
N ASP B 116 13.48 -1.04 -7.86
CA ASP B 116 12.46 -0.98 -8.90
C ASP B 116 12.26 0.45 -9.40
N ASP B 117 12.09 0.58 -10.72
CA ASP B 117 11.73 1.87 -11.33
C ASP B 117 10.23 2.08 -11.11
N PHE B 118 9.90 2.47 -9.87
CA PHE B 118 8.55 2.35 -9.31
C PHE B 118 8.25 3.66 -8.57
N ILE B 119 7.68 4.62 -9.29
CA ILE B 119 7.54 5.99 -8.81
C ILE B 119 6.06 6.38 -8.80
N ALA B 120 5.65 7.10 -7.75
CA ALA B 120 4.24 7.44 -7.53
C ALA B 120 3.87 8.67 -8.36
N ASP B 121 2.96 8.48 -9.32
CA ASP B 121 2.52 9.61 -10.15
C ASP B 121 1.87 10.69 -9.31
N ALA B 122 1.04 10.31 -8.33
CA ALA B 122 0.32 11.29 -7.53
C ALA B 122 1.26 12.16 -6.71
N LEU B 123 2.42 11.62 -6.31
CA LEU B 123 3.39 12.43 -5.59
C LEU B 123 4.00 13.49 -6.51
N ARG B 124 4.33 13.12 -7.74
CA ARG B 124 4.95 14.02 -8.69
C ARG B 124 3.95 14.82 -9.52
N GLY B 125 2.65 14.63 -9.28
CA GLY B 125 1.63 15.35 -10.01
C GLY B 125 1.55 15.01 -11.48
N THR B 126 1.68 13.72 -11.83
CA THR B 126 1.71 13.28 -13.21
C THR B 126 0.59 12.30 -13.53
N GLY B 127 -0.45 12.24 -12.70
CA GLY B 127 -1.54 11.31 -12.90
C GLY B 127 -2.74 11.94 -13.58
N VAL B 128 -3.55 11.09 -14.19
CA VAL B 128 -4.84 11.51 -14.72
C VAL B 128 -5.95 11.32 -13.70
N TYR B 129 -5.96 10.16 -13.04
CA TYR B 129 -7.03 9.81 -12.11
C TYR B 129 -6.67 10.14 -10.66
N GLN B 130 -5.47 9.78 -10.22
CA GLN B 130 -5.07 9.96 -8.84
C GLN B 130 -4.50 11.36 -8.62
N LYS B 131 -5.17 12.14 -7.78
CA LYS B 131 -4.71 13.47 -7.40
C LYS B 131 -4.24 13.46 -5.96
N SER B 132 -3.48 14.49 -5.61
CA SER B 132 -3.01 14.69 -4.25
C SER B 132 -3.05 16.17 -3.92
N SER B 133 -3.64 16.49 -2.77
CA SER B 133 -3.51 17.81 -2.18
C SER B 133 -2.73 17.75 -0.86
N LEU B 134 -2.21 16.58 -0.53
CA LEU B 134 -1.32 16.43 0.62
C LEU B 134 -0.16 17.41 0.55
N GLU B 135 0.16 18.00 1.69
CA GLU B 135 1.33 18.88 1.76
C GLU B 135 2.60 18.03 1.68
N ILE B 136 3.39 18.26 0.64
CA ILE B 136 4.59 17.47 0.37
C ILE B 136 5.79 18.40 0.36
N LYS B 137 6.80 18.07 1.16
CA LYS B 137 8.04 18.85 1.21
C LYS B 137 9.20 17.96 0.81
N LYS B 138 9.90 18.35 -0.25
CA LYS B 138 11.17 17.75 -0.63
C LYS B 138 12.26 18.46 0.16
N ALA B 139 12.94 17.71 1.03
CA ALA B 139 14.01 18.28 1.85
C ALA B 139 15.18 18.69 0.97
N ASP B 140 15.89 19.74 1.41
CA ASP B 140 17.05 20.26 0.71
C ASP B 140 18.21 20.38 1.67
N GLY B 141 19.40 20.63 1.12
CA GLY B 141 20.55 20.95 1.95
C GLY B 141 21.16 19.73 2.62
N ASN B 142 21.52 19.91 3.89
CA ASN B 142 22.31 18.92 4.62
C ASN B 142 21.57 17.59 4.73
N GLY B 143 20.35 17.63 5.29
CA GLY B 143 19.61 16.40 5.47
C GLY B 143 19.32 15.70 4.17
N ALA B 144 19.01 16.46 3.12
CA ALA B 144 18.79 15.86 1.81
C ALA B 144 20.05 15.17 1.31
N ALA B 145 21.22 15.79 1.47
CA ALA B 145 22.46 15.17 1.04
C ALA B 145 22.70 13.86 1.78
N ILE B 146 22.51 13.86 3.09
CA ILE B 146 22.70 12.65 3.88
C ILE B 146 21.75 11.55 3.41
N ALA B 147 20.48 11.91 3.23
CA ALA B 147 19.47 10.94 2.82
C ALA B 147 19.78 10.36 1.44
N GLU B 148 20.29 11.20 0.53
CA GLU B 148 20.65 10.69 -0.79
C GLU B 148 21.88 9.78 -0.71
N GLN B 149 22.82 10.07 0.19
CA GLN B 149 24.01 9.23 0.31
C GLN B 149 23.72 7.89 0.95
N VAL B 150 22.60 7.78 1.67
CA VAL B 150 22.18 6.51 2.28
C VAL B 150 22.37 5.31 1.35
N PHE B 151 21.98 5.45 0.07
CA PHE B 151 21.94 4.29 -0.80
C PHE B 151 23.31 3.87 -1.29
N GLN B 152 24.17 4.83 -1.64
CA GLN B 152 25.55 4.48 -1.96
C GLN B 152 26.27 3.91 -0.75
N ASN B 153 25.89 4.34 0.45
CA ASN B 153 26.58 3.87 1.66
C ASN B 153 26.21 2.43 2.00
N THR B 154 24.98 1.99 1.70
CA THR B 154 24.48 0.71 2.19
C THR B 154 24.27 -0.31 1.09
N LYS B 155 24.89 -0.13 -0.08
CA LYS B 155 24.65 -1.07 -1.18
C LYS B 155 25.23 -2.44 -0.88
N GLU B 156 26.26 -2.52 -0.04
CA GLU B 156 26.92 -3.79 0.23
C GLU B 156 26.25 -4.59 1.35
N LYS B 157 25.49 -3.92 2.22
CA LYS B 157 25.00 -4.55 3.44
C LYS B 157 23.72 -5.36 3.24
N PHE B 158 23.16 -5.39 2.03
CA PHE B 158 21.91 -6.11 1.81
C PHE B 158 21.82 -6.50 0.33
N ARG B 159 20.98 -7.50 0.07
CA ARG B 159 20.65 -7.93 -1.28
C ARG B 159 19.22 -7.52 -1.60
N LEU B 160 19.02 -6.99 -2.80
CA LEU B 160 17.75 -6.36 -3.14
C LEU B 160 16.61 -7.38 -3.19
N TYR B 161 15.39 -6.88 -3.02
CA TYR B 161 14.19 -7.70 -2.97
C TYR B 161 13.09 -7.13 -3.86
C01 HD9 C . -10.36 -2.81 1.77
C03 HD9 C . -10.68 -2.01 -0.44
C05 HD9 C . -10.54 -1.27 -2.64
C07 HD9 C . -11.17 0.28 -1.01
C08 HD9 C . -11.08 -0.70 -0.01
C10 HD9 C . -11.70 1.24 0.87
C12 HD9 C . -11.76 2.66 -1.09
C13 HD9 C . -10.62 3.16 -1.46
C14 HD9 C . -11.02 4.04 -2.65
C15 HD9 C . -12.00 3.11 -3.42
C17 HD9 C . -11.20 2.20 -4.43
N04 HD9 C . -10.43 -2.25 -1.71
N06 HD9 C . -10.90 -0.07 -2.30
N09 HD9 C . -11.41 -0.08 1.13
N11 HD9 C . -11.55 1.44 -0.42
N21 HD9 C . -10.25 -1.59 -4.04
O02 HD9 C . -10.53 -3.12 0.43
O16 HD9 C . -12.57 2.38 -2.50
O18 HD9 C . -12.09 1.73 -5.45
O19 HD9 C . -11.66 5.11 -2.22
O20 HD9 C . -10.04 4.00 -0.35
ZN ZN D . -6.80 -0.68 -1.60
C01 HD9 E . 10.73 0.00 2.91
C03 HD9 E . 10.61 1.66 1.26
C05 HD9 E . 10.58 3.42 -0.24
C07 HD9 E . 11.05 1.27 -1.07
C08 HD9 E . 10.94 0.74 0.20
C10 HD9 E . 11.43 -0.85 -1.29
C12 HD9 E . 11.54 0.50 -3.34
C13 HD9 E . 10.38 0.60 -3.94
C14 HD9 E . 10.70 1.49 -5.14
C15 HD9 E . 11.64 2.57 -4.53
C17 HD9 E . 10.76 3.79 -4.00
N04 HD9 E . 10.45 2.93 1.02
N06 HD9 E . 10.86 2.62 -1.23
N09 HD9 E . 11.17 -0.58 0.04
N11 HD9 E . 11.35 0.28 -1.95
N21 HD9 E . 10.37 4.87 -0.45
O02 HD9 E . 10.45 1.33 2.62
O16 HD9 E . 12.26 1.97 -3.56
O18 HD9 E . 11.51 5.00 -4.13
O19 HD9 E . 11.35 0.81 -6.07
O20 HD9 E . 9.91 -0.76 -4.40
ZN ZN F . 6.83 1.97 -0.43
#